data_3DEV
#
_entry.id   3DEV
#
_cell.length_a   106.087
_cell.length_b   106.087
_cell.length_c   86.092
_cell.angle_alpha   90.00
_cell.angle_beta   90.00
_cell.angle_gamma   120.00
#
_symmetry.space_group_name_H-M   'P 3'
#
loop_
_entity.id
_entity.type
_entity.pdbx_description
1 polymer SH1221
2 non-polymer 'SULFATE ION'
3 non-polymer 'MAGNESIUM ION'
4 water water
#
_entity_poly.entity_id   1
_entity_poly.type   'polypeptide(L)'
_entity_poly.pdbx_seq_one_letter_code
;(MSE)VEIFNEI(MSE)QRVKEAETIIIHRHVRPDPDAYGSQLGLKLYLERKFPEKNIYATGEAEPSLSFIGDLDEIDDS
VYSDALVIVCDTANAPRIDDQRYLNGQSLIKIDHHPATDQYGDVNFVNTEASSTSEIIFDFISHFNDLSIIDEHVARVLY
LGIVGDTGRFLFSNTSPHT(MSE)EVASQLLAYPFNHNAELNK(MSE)SEKDPKL(MSE)PFQGYVLQNFELSDSHEYCQ
IKITNDVLKQFDIQPNEASQFVNTVADISGLKIW(MSE)FGVDEGDQIRCRIRSKGITINDVANQFGGGGHPNASGVSVY
SWDEFEELAQALRQKLLEHHHHHH
;
_entity_poly.pdbx_strand_id   A,B
#
# COMPACT_ATOMS: atom_id res chain seq x y z
N VAL A 2 0.09 -22.84 30.72
CA VAL A 2 0.62 -21.50 30.55
C VAL A 2 0.78 -21.26 29.06
N GLU A 3 0.82 -22.36 28.30
CA GLU A 3 0.98 -22.29 26.84
C GLU A 3 -0.31 -22.62 26.10
N ILE A 4 -1.26 -21.67 26.15
CA ILE A 4 -2.57 -21.82 25.51
C ILE A 4 -2.58 -22.54 24.15
N PHE A 5 -1.61 -22.24 23.28
CA PHE A 5 -1.53 -22.88 21.96
C PHE A 5 -1.64 -24.39 22.04
N ASN A 6 -0.99 -24.98 23.05
CA ASN A 6 -1.00 -26.41 23.27
C ASN A 6 -2.37 -26.92 23.71
N GLU A 7 -2.99 -26.16 24.60
CA GLU A 7 -4.29 -26.52 25.11
C GLU A 7 -5.31 -26.46 23.97
N ILE A 8 -5.09 -25.57 23.02
CA ILE A 8 -6.00 -25.48 21.89
C ILE A 8 -5.81 -26.73 21.02
N GLN A 10 -4.77 -29.39 21.64
CA GLN A 10 -5.18 -30.59 22.36
C GLN A 10 -6.67 -30.75 22.13
N ARG A 11 -7.45 -29.76 22.57
CA ARG A 11 -8.88 -29.79 22.39
C ARG A 11 -9.24 -30.14 20.94
N VAL A 12 -8.39 -29.74 20.00
CA VAL A 12 -8.58 -30.00 18.57
C VAL A 12 -8.37 -31.48 18.24
N LYS A 13 -7.24 -32.03 18.67
CA LYS A 13 -6.96 -33.43 18.39
C LYS A 13 -8.04 -34.34 18.95
N GLU A 14 -8.75 -33.88 19.97
CA GLU A 14 -9.82 -34.66 20.59
C GLU A 14 -11.22 -34.17 20.20
N ALA A 15 -11.53 -34.24 18.91
CA ALA A 15 -12.82 -33.83 18.37
C ALA A 15 -12.76 -34.23 16.89
N GLU A 16 -13.72 -35.04 16.45
CA GLU A 16 -13.73 -35.50 15.06
C GLU A 16 -14.19 -34.42 14.11
N THR A 17 -14.82 -33.39 14.67
CA THR A 17 -15.32 -32.28 13.88
C THR A 17 -15.33 -30.97 14.66
N ILE A 18 -14.76 -29.93 14.05
CA ILE A 18 -14.70 -28.60 14.64
C ILE A 18 -15.11 -27.56 13.61
N ILE A 19 -15.88 -26.57 14.04
CA ILE A 19 -16.32 -25.51 13.14
C ILE A 19 -15.79 -24.15 13.60
N ILE A 20 -15.48 -23.29 12.65
CA ILE A 20 -14.93 -21.98 12.94
C ILE A 20 -15.88 -20.83 12.58
N HIS A 21 -15.89 -19.80 13.42
CA HIS A 21 -16.73 -18.63 13.24
C HIS A 21 -15.92 -17.34 13.20
N ARG A 22 -16.59 -16.24 12.87
CA ARG A 22 -15.94 -14.94 12.80
C ARG A 22 -16.99 -13.88 13.05
N HIS A 23 -16.56 -12.64 13.26
CA HIS A 23 -17.55 -11.62 13.51
C HIS A 23 -18.46 -11.34 12.31
N VAL A 24 -19.55 -10.62 12.57
CA VAL A 24 -20.53 -10.27 11.55
C VAL A 24 -19.90 -9.66 10.30
N ARG A 25 -19.93 -8.32 10.17
CA ARG A 25 -19.33 -7.66 9.01
C ARG A 25 -17.92 -8.21 8.84
N PRO A 26 -17.71 -9.09 7.84
CA PRO A 26 -16.40 -9.69 7.59
C PRO A 26 -15.37 -8.76 6.94
N ASP A 27 -14.09 -9.04 7.20
CA ASP A 27 -13.01 -8.27 6.63
C ASP A 27 -11.98 -9.27 6.14
N PRO A 28 -11.02 -8.84 5.32
CA PRO A 28 -10.02 -9.80 4.84
C PRO A 28 -9.36 -10.67 5.93
N ASP A 29 -9.05 -10.09 7.09
CA ASP A 29 -8.44 -10.84 8.20
C ASP A 29 -9.42 -11.88 8.73
N ALA A 30 -10.59 -11.41 9.16
CA ALA A 30 -11.62 -12.29 9.68
C ALA A 30 -11.85 -13.40 8.67
N TYR A 31 -11.57 -13.13 7.40
CA TYR A 31 -11.76 -14.14 6.38
C TYR A 31 -10.56 -15.06 6.33
N GLY A 32 -9.38 -14.48 6.16
CA GLY A 32 -8.17 -15.26 6.09
C GLY A 32 -7.93 -16.06 7.34
N SER A 33 -8.16 -15.44 8.50
CA SER A 33 -7.94 -16.14 9.76
C SER A 33 -8.86 -17.37 9.89
N GLN A 34 -10.10 -17.24 9.44
CA GLN A 34 -11.04 -18.36 9.52
C GLN A 34 -10.60 -19.41 8.51
N LEU A 35 -10.75 -19.11 7.23
CA LEU A 35 -10.37 -20.06 6.17
C LEU A 35 -8.97 -20.61 6.39
N GLY A 36 -8.09 -19.79 6.96
CA GLY A 36 -6.72 -20.21 7.22
C GLY A 36 -6.64 -21.31 8.25
N LEU A 37 -7.20 -21.06 9.44
CA LEU A 37 -7.18 -22.06 10.50
C LEU A 37 -7.75 -23.34 9.91
N LYS A 38 -8.88 -23.21 9.21
CA LYS A 38 -9.55 -24.34 8.57
C LYS A 38 -8.63 -25.09 7.60
N LEU A 39 -8.20 -24.41 6.54
CA LEU A 39 -7.31 -24.98 5.53
C LEU A 39 -6.11 -25.68 6.16
N TYR A 40 -5.64 -25.11 7.26
CA TYR A 40 -4.51 -25.67 8.02
C TYR A 40 -4.90 -26.99 8.64
N LEU A 41 -5.95 -26.97 9.45
CA LEU A 41 -6.45 -28.17 10.12
C LEU A 41 -6.70 -29.25 9.09
N GLU A 42 -7.51 -28.95 8.09
CA GLU A 42 -7.81 -29.91 7.02
C GLU A 42 -6.55 -30.56 6.44
N ARG A 43 -5.41 -29.90 6.61
CA ARG A 43 -4.15 -30.45 6.10
C ARG A 43 -3.49 -31.33 7.16
N LYS A 44 -3.75 -31.02 8.43
CA LYS A 44 -3.18 -31.76 9.53
C LYS A 44 -3.99 -33.00 9.93
N PHE A 45 -5.31 -32.87 10.03
CA PHE A 45 -6.16 -34.01 10.41
C PHE A 45 -7.27 -34.27 9.38
N PRO A 46 -6.91 -34.72 8.17
CA PRO A 46 -7.89 -35.00 7.11
C PRO A 46 -9.01 -35.95 7.51
N GLU A 47 -8.78 -36.66 8.61
CA GLU A 47 -9.72 -37.62 9.19
C GLU A 47 -10.87 -36.93 9.93
N LYS A 48 -10.72 -35.61 10.16
CA LYS A 48 -11.73 -34.84 10.88
C LYS A 48 -12.56 -34.01 9.91
N ASN A 49 -13.55 -33.31 10.44
CA ASN A 49 -14.40 -32.45 9.61
C ASN A 49 -14.32 -31.00 10.07
N ILE A 50 -13.65 -30.18 9.26
CA ILE A 50 -13.52 -28.77 9.59
C ILE A 50 -14.42 -27.96 8.67
N TYR A 51 -15.18 -27.06 9.28
CA TYR A 51 -16.14 -26.19 8.58
C TYR A 51 -16.02 -24.74 9.02
N ALA A 52 -16.35 -23.81 8.13
CA ALA A 52 -16.32 -22.38 8.45
C ALA A 52 -17.69 -21.78 8.10
N THR A 53 -18.44 -21.38 9.12
CA THR A 53 -19.77 -20.79 8.91
C THR A 53 -19.71 -19.28 8.82
N GLY A 54 -20.59 -18.72 7.99
CA GLY A 54 -20.63 -17.29 7.84
C GLY A 54 -21.71 -16.92 6.85
N GLU A 55 -22.05 -15.64 6.84
CA GLU A 55 -23.07 -15.12 5.93
C GLU A 55 -22.53 -15.20 4.50
N ALA A 56 -21.22 -15.00 4.34
CA ALA A 56 -20.56 -15.05 3.04
C ALA A 56 -20.69 -13.75 2.25
N GLU A 57 -19.69 -12.87 2.40
CA GLU A 57 -19.62 -11.57 1.73
C GLU A 57 -19.05 -11.74 0.31
N PRO A 58 -19.86 -11.50 -0.74
CA PRO A 58 -19.40 -11.64 -2.13
C PRO A 58 -18.16 -10.82 -2.45
N SER A 59 -17.92 -9.81 -1.62
CA SER A 59 -16.76 -8.94 -1.76
C SER A 59 -15.47 -9.75 -1.56
N LEU A 60 -15.49 -10.65 -0.57
CA LEU A 60 -14.33 -11.49 -0.26
C LEU A 60 -14.49 -12.91 -0.82
N SER A 61 -15.41 -13.08 -1.75
CA SER A 61 -15.67 -14.36 -2.40
C SER A 61 -14.37 -15.00 -2.92
N PHE A 62 -13.48 -14.17 -3.48
CA PHE A 62 -12.23 -14.66 -4.04
C PHE A 62 -11.27 -15.28 -3.02
N ILE A 63 -11.38 -14.87 -1.76
CA ILE A 63 -10.52 -15.39 -0.69
C ILE A 63 -10.82 -16.86 -0.48
N GLY A 64 -12.11 -17.18 -0.43
CA GLY A 64 -12.55 -18.54 -0.23
C GLY A 64 -14.01 -18.61 0.14
N ASP A 65 -14.67 -19.73 -0.21
CA ASP A 65 -16.09 -19.90 0.10
C ASP A 65 -16.28 -20.49 1.49
N LEU A 66 -17.46 -20.32 2.08
CA LEU A 66 -17.73 -20.87 3.39
C LEU A 66 -18.45 -22.22 3.29
N ASP A 67 -18.77 -22.82 4.44
CA ASP A 67 -19.45 -24.11 4.48
C ASP A 67 -20.85 -23.94 5.02
N GLU A 68 -21.75 -24.79 4.53
CA GLU A 68 -23.15 -24.77 4.97
C GLU A 68 -23.35 -25.81 6.08
N ILE A 69 -23.32 -25.33 7.31
CA ILE A 69 -23.47 -26.16 8.49
C ILE A 69 -24.94 -26.54 8.68
N ASP A 70 -25.18 -27.82 8.99
CA ASP A 70 -26.54 -28.34 9.20
C ASP A 70 -27.06 -28.23 10.63
N ASP A 71 -26.48 -27.30 11.39
CA ASP A 71 -26.89 -27.01 12.77
C ASP A 71 -26.98 -28.21 13.73
N SER A 72 -26.96 -29.40 13.17
CA SER A 72 -27.03 -30.62 13.96
C SER A 72 -25.64 -31.24 14.08
N VAL A 73 -24.66 -30.63 13.42
CA VAL A 73 -23.29 -31.12 13.49
C VAL A 73 -22.68 -30.55 14.77
N TYR A 74 -23.28 -29.48 15.27
CA TYR A 74 -22.83 -28.84 16.51
C TYR A 74 -22.97 -29.77 17.72
N SER A 75 -23.59 -30.92 17.48
CA SER A 75 -23.85 -31.95 18.50
C SER A 75 -22.61 -32.18 19.38
N ASP A 76 -21.62 -32.85 18.81
CA ASP A 76 -20.41 -33.11 19.56
C ASP A 76 -19.24 -32.60 18.76
N ALA A 77 -19.08 -31.29 18.77
CA ALA A 77 -18.01 -30.63 18.04
C ALA A 77 -17.44 -29.44 18.80
N LEU A 78 -16.23 -29.06 18.42
CA LEU A 78 -15.52 -27.94 19.02
C LEU A 78 -15.73 -26.69 18.17
N VAL A 79 -16.17 -25.62 18.82
CA VAL A 79 -16.43 -24.35 18.14
C VAL A 79 -15.28 -23.37 18.42
N ILE A 80 -14.74 -22.80 17.34
CA ILE A 80 -13.64 -21.83 17.41
C ILE A 80 -14.06 -20.49 16.80
N VAL A 81 -14.41 -19.53 17.67
CA VAL A 81 -14.81 -18.20 17.22
C VAL A 81 -13.56 -17.38 16.97
N CYS A 82 -13.14 -17.43 15.72
CA CYS A 82 -11.96 -16.76 15.26
C CYS A 82 -12.19 -15.26 15.00
N ASP A 83 -11.34 -14.41 15.56
CA ASP A 83 -11.42 -12.95 15.37
C ASP A 83 -12.77 -12.30 15.62
N THR A 84 -13.06 -11.97 16.87
CA THR A 84 -14.32 -11.34 17.19
C THR A 84 -14.26 -10.75 18.60
N ALA A 85 -14.30 -9.42 18.65
CA ALA A 85 -14.27 -8.68 19.90
C ALA A 85 -15.30 -9.24 20.89
N ASN A 86 -16.56 -8.91 20.64
CA ASN A 86 -17.64 -9.36 21.51
C ASN A 86 -18.47 -10.48 20.87
N ALA A 87 -18.90 -11.43 21.72
CA ALA A 87 -19.70 -12.59 21.31
C ALA A 87 -20.94 -12.25 20.48
N PRO A 88 -21.80 -11.32 20.96
CA PRO A 88 -23.01 -10.95 20.20
C PRO A 88 -22.70 -10.61 18.74
N ARG A 89 -21.50 -10.10 18.51
CA ARG A 89 -21.02 -9.69 17.19
C ARG A 89 -20.49 -10.86 16.36
N ILE A 90 -20.60 -12.07 16.90
CA ILE A 90 -20.15 -13.26 16.19
C ILE A 90 -21.18 -13.55 15.12
N ASP A 91 -20.75 -14.09 13.99
CA ASP A 91 -21.69 -14.34 12.92
C ASP A 91 -22.76 -15.37 13.26
N ASP A 92 -22.55 -16.60 12.82
CA ASP A 92 -23.52 -17.64 13.11
C ASP A 92 -23.67 -17.72 14.63
N GLN A 93 -24.89 -17.54 15.15
CA GLN A 93 -25.10 -17.57 16.61
C GLN A 93 -25.26 -18.94 17.27
N ARG A 94 -25.23 -20.01 16.48
CA ARG A 94 -25.37 -21.34 17.05
C ARG A 94 -24.03 -21.89 17.50
N TYR A 95 -23.07 -20.99 17.69
CA TYR A 95 -21.73 -21.38 18.13
C TYR A 95 -21.76 -21.90 19.56
N LEU A 96 -22.57 -21.27 20.40
CA LEU A 96 -22.70 -21.66 21.79
C LEU A 96 -23.37 -23.02 21.91
N ASN A 97 -23.73 -23.60 20.77
CA ASN A 97 -24.37 -24.90 20.76
C ASN A 97 -23.38 -26.00 20.38
N GLY A 98 -22.19 -25.92 20.93
CA GLY A 98 -21.18 -26.91 20.64
C GLY A 98 -20.70 -27.50 21.95
N GLN A 99 -19.86 -28.53 21.86
CA GLN A 99 -19.30 -29.18 23.04
C GLN A 99 -18.62 -28.10 23.90
N SER A 100 -17.46 -27.61 23.45
CA SER A 100 -16.70 -26.55 24.14
C SER A 100 -16.39 -25.38 23.18
N LEU A 101 -16.16 -24.19 23.75
CA LEU A 101 -15.88 -22.97 22.97
C LEU A 101 -14.47 -22.44 23.19
N ILE A 102 -13.82 -22.08 22.09
CA ILE A 102 -12.47 -21.54 22.15
C ILE A 102 -12.37 -20.36 21.18
N LYS A 103 -11.82 -19.24 21.66
CA LYS A 103 -11.69 -18.04 20.83
C LYS A 103 -10.26 -17.51 20.69
N ILE A 104 -9.98 -17.00 19.50
CA ILE A 104 -8.66 -16.45 19.19
C ILE A 104 -8.90 -15.09 18.58
N ASP A 105 -8.40 -14.05 19.23
CA ASP A 105 -8.60 -12.72 18.70
C ASP A 105 -7.43 -11.79 19.01
N HIS A 106 -7.42 -10.60 18.41
CA HIS A 106 -6.34 -9.64 18.64
C HIS A 106 -6.87 -8.30 19.12
N HIS A 107 -8.15 -8.29 19.51
CA HIS A 107 -8.77 -7.07 20.01
C HIS A 107 -8.68 -7.09 21.52
N PRO A 108 -8.86 -5.93 22.15
CA PRO A 108 -8.79 -5.91 23.61
C PRO A 108 -9.74 -6.94 24.25
N ALA A 109 -9.21 -7.66 25.23
CA ALA A 109 -9.99 -8.69 25.93
C ALA A 109 -11.06 -8.09 26.84
N THR A 110 -12.26 -7.89 26.32
CA THR A 110 -13.33 -7.33 27.15
C THR A 110 -14.45 -8.35 27.31
N ASP A 111 -14.56 -9.28 26.37
CA ASP A 111 -15.60 -10.30 26.42
C ASP A 111 -15.06 -11.59 27.07
N GLN A 112 -13.95 -12.10 26.57
CA GLN A 112 -13.38 -13.34 27.13
C GLN A 112 -14.34 -14.52 27.05
N TYR A 113 -15.29 -14.44 26.11
CA TYR A 113 -16.27 -15.49 25.90
C TYR A 113 -15.52 -16.77 25.53
N GLY A 114 -16.11 -17.93 25.77
CA GLY A 114 -15.40 -19.14 25.43
C GLY A 114 -14.49 -19.65 26.54
N ASP A 115 -14.36 -20.98 26.60
CA ASP A 115 -13.55 -21.68 27.60
C ASP A 115 -12.12 -21.20 27.60
N VAL A 116 -11.42 -21.48 26.51
CA VAL A 116 -10.02 -21.09 26.35
C VAL A 116 -9.97 -19.79 25.56
N ASN A 117 -9.37 -18.76 26.14
CA ASN A 117 -9.27 -17.48 25.46
C ASN A 117 -7.83 -17.07 25.21
N PHE A 118 -7.48 -16.86 23.94
CA PHE A 118 -6.14 -16.44 23.58
C PHE A 118 -6.22 -15.16 22.75
N VAL A 119 -5.84 -14.03 23.37
CA VAL A 119 -5.87 -12.74 22.69
C VAL A 119 -4.50 -12.07 22.68
N ASN A 120 -3.85 -12.07 21.50
CA ASN A 120 -2.53 -11.46 21.35
C ASN A 120 -2.79 -10.02 20.94
N THR A 121 -3.08 -9.20 21.94
CA THR A 121 -3.36 -7.79 21.74
C THR A 121 -2.31 -7.14 20.85
N GLU A 122 -1.04 -7.52 21.03
CA GLU A 122 0.02 -6.94 20.24
C GLU A 122 0.18 -7.48 18.81
N ALA A 123 -0.71 -8.37 18.40
CA ALA A 123 -0.67 -8.94 17.04
C ALA A 123 -1.31 -7.98 16.01
N SER A 124 -0.76 -7.98 14.78
CA SER A 124 -1.29 -7.11 13.75
C SER A 124 -2.65 -7.58 13.32
N SER A 125 -2.92 -8.86 13.50
CA SER A 125 -4.18 -9.40 13.04
C SER A 125 -4.34 -10.81 13.51
N THR A 126 -5.56 -11.32 13.47
CA THR A 126 -5.79 -12.69 13.87
C THR A 126 -5.04 -13.65 12.94
N SER A 127 -5.02 -13.34 11.65
CA SER A 127 -4.30 -14.16 10.67
C SER A 127 -2.90 -14.39 11.19
N GLU A 128 -2.28 -13.29 11.61
CA GLU A 128 -0.94 -13.35 12.13
C GLU A 128 -0.85 -14.34 13.32
N ILE A 129 -1.87 -14.31 14.18
CA ILE A 129 -1.91 -15.21 15.34
C ILE A 129 -1.96 -16.65 14.85
N ILE A 130 -2.69 -16.86 13.76
CA ILE A 130 -2.81 -18.18 13.18
C ILE A 130 -1.46 -18.66 12.67
N PHE A 131 -0.71 -17.77 12.02
CA PHE A 131 0.58 -18.19 11.53
C PHE A 131 1.47 -18.62 12.70
N ASP A 132 1.37 -17.87 13.78
CA ASP A 132 2.13 -18.11 15.01
C ASP A 132 1.80 -19.50 15.53
N PHE A 133 0.52 -19.81 15.59
CA PHE A 133 0.00 -21.09 16.06
C PHE A 133 0.58 -22.24 15.26
N ILE A 134 0.34 -22.23 13.95
CA ILE A 134 0.83 -23.30 13.11
C ILE A 134 2.36 -23.35 13.13
N SER A 135 2.98 -22.19 13.28
CA SER A 135 4.42 -22.11 13.31
C SER A 135 4.94 -22.75 14.59
N HIS A 136 4.09 -22.78 15.60
CA HIS A 136 4.45 -23.37 16.90
C HIS A 136 4.36 -24.88 16.85
N PHE A 137 3.89 -25.40 15.74
CA PHE A 137 3.76 -26.82 15.62
C PHE A 137 4.60 -27.31 14.46
N ASN A 138 5.59 -26.52 14.09
CA ASN A 138 6.50 -26.83 12.99
C ASN A 138 5.80 -27.34 11.74
N ASP A 139 4.56 -26.91 11.55
CA ASP A 139 3.79 -27.32 10.40
C ASP A 139 3.95 -26.38 9.21
N LEU A 140 5.05 -25.63 9.16
CA LEU A 140 5.28 -24.72 8.04
C LEU A 140 5.55 -25.47 6.74
N SER A 141 5.58 -26.79 6.85
CA SER A 141 5.82 -27.69 5.73
C SER A 141 4.52 -28.33 5.28
N ILE A 142 3.65 -28.60 6.26
CA ILE A 142 2.34 -29.20 6.02
C ILE A 142 1.44 -28.18 5.30
N ILE A 143 1.70 -26.90 5.55
CA ILE A 143 0.95 -25.80 4.94
C ILE A 143 1.39 -25.62 3.48
N ASP A 144 0.50 -25.08 2.65
CA ASP A 144 0.81 -24.86 1.23
C ASP A 144 0.28 -23.53 0.68
N GLU A 145 0.43 -23.34 -0.62
CA GLU A 145 -0.01 -22.11 -1.28
C GLU A 145 -1.44 -21.72 -0.94
N HIS A 146 -2.33 -22.70 -0.83
CA HIS A 146 -3.72 -22.39 -0.53
C HIS A 146 -3.94 -21.75 0.83
N VAL A 147 -3.24 -22.24 1.84
CA VAL A 147 -3.38 -21.73 3.19
C VAL A 147 -2.76 -20.36 3.35
N ALA A 148 -1.52 -20.22 2.90
CA ALA A 148 -0.82 -18.96 3.00
C ALA A 148 -1.58 -17.83 2.32
N ARG A 149 -2.25 -18.15 1.22
CA ARG A 149 -3.03 -17.17 0.48
C ARG A 149 -3.90 -16.34 1.40
N VAL A 150 -4.80 -17.02 2.09
CA VAL A 150 -5.73 -16.34 2.98
C VAL A 150 -5.01 -15.58 4.07
N LEU A 151 -4.07 -16.25 4.73
CA LEU A 151 -3.30 -15.64 5.80
C LEU A 151 -2.65 -14.30 5.33
N TYR A 152 -2.01 -14.32 4.16
CA TYR A 152 -1.40 -13.09 3.60
C TYR A 152 -2.50 -12.04 3.49
N LEU A 153 -3.38 -12.27 2.53
CA LEU A 153 -4.51 -11.39 2.29
C LEU A 153 -5.06 -10.85 3.62
N GLY A 154 -5.17 -11.72 4.61
CA GLY A 154 -5.69 -11.32 5.91
C GLY A 154 -4.84 -10.26 6.58
N ILE A 155 -3.55 -10.54 6.73
CA ILE A 155 -2.67 -9.58 7.34
C ILE A 155 -2.71 -8.30 6.48
N VAL A 156 -2.64 -8.48 5.15
CA VAL A 156 -2.68 -7.37 4.20
C VAL A 156 -3.83 -6.39 4.44
N GLY A 157 -5.06 -6.89 4.41
CA GLY A 157 -6.20 -6.02 4.63
C GLY A 157 -6.25 -5.35 6.01
N ASP A 158 -6.05 -6.14 7.06
CA ASP A 158 -6.10 -5.61 8.44
C ASP A 158 -5.05 -4.54 8.71
N THR A 159 -4.02 -4.46 7.89
CA THR A 159 -2.98 -3.44 8.07
C THR A 159 -2.85 -2.52 6.86
N GLY A 160 -3.79 -2.66 5.93
CA GLY A 160 -3.76 -1.85 4.72
C GLY A 160 -2.41 -1.95 4.01
N ARG A 161 -1.97 -3.18 3.72
CA ARG A 161 -0.69 -3.41 3.06
C ARG A 161 0.46 -2.88 3.88
N PHE A 162 0.57 -3.38 5.11
CA PHE A 162 1.62 -3.00 6.05
C PHE A 162 1.79 -1.49 6.08
N LEU A 163 0.69 -0.76 6.22
CA LEU A 163 0.84 0.69 6.28
C LEU A 163 0.48 1.21 7.66
N PHE A 164 -0.58 0.65 8.21
CA PHE A 164 -1.07 1.06 9.53
C PHE A 164 -0.04 0.86 10.62
N SER A 165 -0.26 1.54 11.73
CA SER A 165 0.64 1.47 12.85
C SER A 165 0.72 0.08 13.48
N ASN A 166 -0.31 -0.74 13.28
CA ASN A 166 -0.34 -2.10 13.83
C ASN A 166 0.67 -3.03 13.14
N THR A 167 1.42 -2.49 12.18
CA THR A 167 2.41 -3.26 11.45
C THR A 167 3.73 -3.29 12.21
N SER A 168 4.14 -4.47 12.66
CA SER A 168 5.38 -4.60 13.40
C SER A 168 6.40 -5.35 12.55
N PRO A 169 7.65 -5.32 12.98
CA PRO A 169 8.71 -6.01 12.23
C PRO A 169 8.40 -7.51 12.16
N HIS A 170 7.66 -8.02 13.13
CA HIS A 170 7.31 -9.43 13.11
C HIS A 170 6.27 -9.61 12.02
N THR A 171 5.31 -8.68 11.97
CA THR A 171 4.27 -8.76 10.97
C THR A 171 4.92 -8.89 9.62
N GLU A 173 7.89 -9.98 8.83
CA GLU A 173 8.51 -11.29 8.75
C GLU A 173 7.53 -12.39 8.39
N VAL A 174 6.36 -12.35 9.02
CA VAL A 174 5.34 -13.34 8.73
C VAL A 174 4.94 -13.20 7.26
N ALA A 175 4.71 -11.95 6.83
CA ALA A 175 4.35 -11.69 5.44
C ALA A 175 5.45 -12.27 4.56
N SER A 176 6.68 -12.00 4.96
CA SER A 176 7.84 -12.48 4.24
C SER A 176 7.72 -13.98 4.05
N GLN A 177 7.51 -14.69 5.14
CA GLN A 177 7.40 -16.14 5.09
C GLN A 177 6.27 -16.71 4.24
N LEU A 178 5.12 -16.03 4.24
CA LEU A 178 3.98 -16.50 3.46
C LEU A 178 4.25 -16.42 1.96
N LEU A 179 4.90 -15.34 1.51
CA LEU A 179 5.21 -15.13 0.09
C LEU A 179 6.11 -16.23 -0.48
N ALA A 180 6.81 -16.94 0.40
CA ALA A 180 7.69 -18.02 0.00
C ALA A 180 6.83 -18.99 -0.83
N TYR A 181 5.64 -19.27 -0.33
CA TYR A 181 4.69 -20.17 -1.01
C TYR A 181 4.18 -19.59 -2.34
N PRO A 182 4.21 -20.40 -3.42
CA PRO A 182 3.74 -19.97 -4.74
C PRO A 182 2.25 -19.63 -4.83
N PHE A 183 1.94 -18.37 -5.09
CA PHE A 183 0.54 -17.97 -5.20
C PHE A 183 0.37 -16.59 -5.84
N ASN A 184 1.48 -15.89 -6.02
CA ASN A 184 1.48 -14.56 -6.65
C ASN A 184 0.64 -13.54 -5.90
N HIS A 185 1.32 -12.74 -5.08
CA HIS A 185 0.64 -11.73 -4.31
C HIS A 185 0.11 -10.62 -5.20
N ASN A 186 0.89 -10.21 -6.19
CA ASN A 186 0.46 -9.11 -7.07
C ASN A 186 -0.96 -9.33 -7.61
N ALA A 187 -1.21 -10.54 -8.10
CA ALA A 187 -2.53 -10.89 -8.63
C ALA A 187 -3.58 -10.80 -7.53
N GLU A 188 -3.42 -11.65 -6.52
CA GLU A 188 -4.33 -11.67 -5.38
C GLU A 188 -4.62 -10.27 -4.87
N LEU A 189 -3.56 -9.48 -4.70
CA LEU A 189 -3.71 -8.11 -4.21
C LEU A 189 -4.64 -7.27 -5.08
N ASN A 190 -4.42 -7.29 -6.40
CA ASN A 190 -5.23 -6.53 -7.33
C ASN A 190 -6.71 -6.88 -7.27
N LYS A 191 -7.02 -8.17 -7.34
CA LYS A 191 -8.40 -8.61 -7.28
C LYS A 191 -9.03 -8.12 -5.98
N SER A 193 -8.06 -5.14 -4.62
CA SER A 193 -8.05 -3.69 -4.76
C SER A 193 -8.98 -3.19 -5.84
N GLU A 194 -9.59 -4.11 -6.58
CA GLU A 194 -10.51 -3.70 -7.64
C GLU A 194 -11.51 -2.69 -7.11
N LYS A 195 -12.06 -1.89 -8.01
CA LYS A 195 -13.04 -0.87 -7.66
C LYS A 195 -14.16 -0.85 -8.71
N ASP A 196 -15.33 -0.34 -8.33
CA ASP A 196 -16.46 -0.27 -9.25
C ASP A 196 -16.46 1.07 -10.00
N PRO A 197 -16.32 1.02 -11.34
CA PRO A 197 -16.31 2.26 -12.12
C PRO A 197 -17.59 3.06 -11.93
N LYS A 198 -18.68 2.35 -11.62
CA LYS A 198 -19.97 2.98 -11.38
C LYS A 198 -19.89 4.11 -10.36
N LEU A 199 -19.20 3.87 -9.25
CA LEU A 199 -19.07 4.86 -8.20
C LEU A 199 -17.97 5.87 -8.45
N PRO A 201 -17.38 8.13 -10.85
CA PRO A 201 -17.82 9.47 -11.27
C PRO A 201 -18.18 10.30 -10.05
N PHE A 202 -18.94 9.69 -9.13
CA PHE A 202 -19.35 10.33 -7.89
C PHE A 202 -18.13 10.74 -7.07
N GLN A 203 -17.19 9.80 -6.93
CA GLN A 203 -15.95 10.04 -6.19
C GLN A 203 -15.25 11.27 -6.73
N GLY A 204 -15.48 11.55 -8.01
CA GLY A 204 -14.88 12.71 -8.65
C GLY A 204 -15.54 13.95 -8.10
N TYR A 205 -16.82 13.81 -7.77
CA TYR A 205 -17.61 14.90 -7.22
C TYR A 205 -17.05 15.29 -5.84
N VAL A 206 -16.79 14.27 -5.04
CA VAL A 206 -16.23 14.46 -3.73
C VAL A 206 -14.93 15.23 -3.83
N LEU A 207 -14.15 14.91 -4.85
CA LEU A 207 -12.86 15.57 -5.06
C LEU A 207 -13.00 16.99 -5.57
N GLN A 208 -14.14 17.27 -6.21
CA GLN A 208 -14.43 18.59 -6.76
C GLN A 208 -15.20 19.49 -5.77
N ASN A 209 -15.66 18.91 -4.67
CA ASN A 209 -16.38 19.66 -3.67
C ASN A 209 -15.82 19.39 -2.28
N PHE A 210 -14.75 20.09 -1.97
CA PHE A 210 -14.10 19.96 -0.69
C PHE A 210 -14.61 20.93 0.30
N GLU A 211 -13.72 21.28 1.22
CA GLU A 211 -14.01 22.21 2.26
C GLU A 211 -12.81 22.20 3.19
N LEU A 212 -11.66 22.68 2.72
CA LEU A 212 -10.47 22.70 3.57
C LEU A 212 -10.28 24.03 4.29
N SER A 213 -9.77 23.95 5.50
CA SER A 213 -9.50 25.15 6.27
C SER A 213 -8.36 25.89 5.57
N ASP A 214 -8.13 27.14 5.95
CA ASP A 214 -7.06 27.93 5.36
C ASP A 214 -5.74 27.26 5.77
N SER A 215 -5.79 26.49 6.85
CA SER A 215 -4.65 25.80 7.41
C SER A 215 -4.53 24.36 6.92
N HIS A 216 -5.55 23.90 6.21
CA HIS A 216 -5.62 22.54 5.68
C HIS A 216 -5.86 21.47 6.76
N GLU A 217 -5.95 21.88 8.02
CA GLU A 217 -6.15 20.93 9.11
C GLU A 217 -7.54 20.27 9.16
N TYR A 218 -8.54 21.00 8.67
CA TYR A 218 -9.93 20.53 8.64
C TYR A 218 -10.48 20.45 7.22
N CYS A 219 -11.22 19.38 6.93
CA CYS A 219 -11.84 19.15 5.62
C CYS A 219 -13.19 18.41 5.76
N GLN A 220 -14.22 18.86 5.02
CA GLN A 220 -15.55 18.24 5.04
C GLN A 220 -16.15 18.13 3.65
N ILE A 221 -17.19 17.31 3.53
CA ILE A 221 -17.89 17.10 2.26
C ILE A 221 -19.36 16.93 2.50
N LYS A 222 -20.16 17.85 1.99
CA LYS A 222 -21.61 17.76 2.16
C LYS A 222 -22.27 17.05 0.95
N ILE A 223 -22.81 15.86 1.17
CA ILE A 223 -23.47 15.11 0.11
C ILE A 223 -24.98 15.31 0.23
N THR A 224 -25.47 16.33 -0.45
CA THR A 224 -26.90 16.66 -0.44
C THR A 224 -27.71 15.59 -1.13
N ASN A 225 -28.97 15.44 -0.74
CA ASN A 225 -29.79 14.44 -1.37
C ASN A 225 -29.76 14.57 -2.89
N ASP A 226 -29.62 15.80 -3.39
CA ASP A 226 -29.60 16.04 -4.84
C ASP A 226 -28.51 15.22 -5.52
N VAL A 227 -27.26 15.42 -5.09
CA VAL A 227 -26.15 14.70 -5.67
C VAL A 227 -26.33 13.18 -5.50
N LEU A 228 -26.99 12.77 -4.43
CA LEU A 228 -27.22 11.34 -4.21
C LEU A 228 -28.04 10.71 -5.31
N LYS A 229 -28.82 11.52 -6.01
CA LYS A 229 -29.65 11.01 -7.09
C LYS A 229 -29.15 11.50 -8.43
N GLN A 230 -28.36 12.57 -8.41
CA GLN A 230 -27.77 13.13 -9.61
C GLN A 230 -26.76 12.11 -10.12
N PHE A 231 -26.09 11.43 -9.21
CA PHE A 231 -25.11 10.40 -9.56
C PHE A 231 -25.69 9.03 -9.39
N ASP A 232 -26.97 8.98 -9.03
CA ASP A 232 -27.68 7.72 -8.81
C ASP A 232 -26.89 6.75 -7.93
N ILE A 233 -26.88 7.02 -6.62
CA ILE A 233 -26.20 6.15 -5.65
C ILE A 233 -26.93 6.17 -4.33
N GLN A 234 -26.96 5.03 -3.66
CA GLN A 234 -27.63 4.96 -2.39
C GLN A 234 -26.79 5.68 -1.33
N PRO A 235 -27.46 6.16 -0.27
CA PRO A 235 -26.77 6.87 0.80
C PRO A 235 -25.67 5.98 1.40
N ASN A 236 -25.92 4.68 1.44
CA ASN A 236 -24.90 3.77 1.97
C ASN A 236 -23.67 3.78 1.11
N GLU A 237 -23.84 3.50 -0.16
CA GLU A 237 -22.73 3.46 -1.11
C GLU A 237 -21.82 4.69 -1.03
N ALA A 238 -22.40 5.88 -1.13
CA ALA A 238 -21.62 7.10 -1.08
C ALA A 238 -20.86 7.27 0.23
N SER A 239 -21.42 6.72 1.30
CA SER A 239 -20.81 6.81 2.63
C SER A 239 -19.50 6.04 2.78
N GLN A 240 -19.10 5.31 1.74
CA GLN A 240 -17.86 4.55 1.83
C GLN A 240 -16.67 5.37 1.34
N PHE A 241 -16.97 6.56 0.82
CA PHE A 241 -15.92 7.43 0.32
C PHE A 241 -15.50 8.43 1.39
N VAL A 242 -15.28 7.96 2.61
CA VAL A 242 -14.91 8.90 3.63
C VAL A 242 -13.48 9.29 3.49
N ASN A 243 -12.62 8.28 3.48
CA ASN A 243 -11.19 8.49 3.38
C ASN A 243 -10.74 8.87 1.96
N THR A 244 -11.61 9.54 1.22
CA THR A 244 -11.24 9.94 -0.12
C THR A 244 -10.55 11.30 -0.09
N VAL A 245 -10.38 11.86 1.10
CA VAL A 245 -9.73 13.17 1.26
C VAL A 245 -8.64 13.09 2.32
N ALA A 246 -8.49 11.90 2.92
CA ALA A 246 -7.53 11.65 3.98
C ALA A 246 -6.07 11.93 3.65
N ASP A 247 -5.70 11.73 2.39
CA ASP A 247 -4.32 11.96 1.95
C ASP A 247 -3.91 13.41 1.74
N ILE A 248 -4.83 14.36 1.94
CA ILE A 248 -4.49 15.77 1.75
C ILE A 248 -3.38 16.14 2.68
N SER A 249 -2.41 16.88 2.17
CA SER A 249 -1.26 17.29 2.95
C SER A 249 -1.60 18.22 4.12
N GLY A 250 -1.33 17.75 5.33
CA GLY A 250 -1.59 18.56 6.50
C GLY A 250 -2.92 18.31 7.17
N LEU A 251 -3.79 17.55 6.51
CA LEU A 251 -5.12 17.27 7.07
C LEU A 251 -5.00 16.60 8.41
N LYS A 252 -5.69 17.16 9.40
CA LYS A 252 -5.67 16.61 10.75
C LYS A 252 -7.03 16.03 11.13
N ILE A 253 -8.10 16.66 10.65
CA ILE A 253 -9.44 16.16 10.98
C ILE A 253 -10.42 16.41 9.84
N TRP A 254 -11.22 15.41 9.56
CA TRP A 254 -12.14 15.50 8.45
C TRP A 254 -13.47 14.82 8.72
N PHE A 256 -17.31 13.65 6.87
CA PHE A 256 -18.03 13.32 5.66
C PHE A 256 -19.48 13.10 5.99
N GLY A 257 -20.32 14.06 5.59
CA GLY A 257 -21.74 13.96 5.86
C GLY A 257 -22.61 13.76 4.63
N VAL A 258 -23.37 12.67 4.63
CA VAL A 258 -24.26 12.38 3.51
C VAL A 258 -25.70 12.33 4.02
N ASP A 259 -26.58 13.08 3.34
CA ASP A 259 -27.98 13.17 3.69
C ASP A 259 -28.76 11.90 3.34
N GLU A 260 -29.37 11.28 4.35
CA GLU A 260 -30.14 10.06 4.13
C GLU A 260 -31.63 10.36 3.94
N GLY A 261 -32.00 11.63 4.16
CA GLY A 261 -33.39 12.04 4.01
C GLY A 261 -33.86 12.77 5.24
N ASP A 262 -34.21 12.00 6.26
CA ASP A 262 -34.69 12.58 7.51
C ASP A 262 -33.56 12.77 8.52
N GLN A 263 -32.32 12.60 8.07
CA GLN A 263 -31.18 12.79 8.94
C GLN A 263 -29.92 12.73 8.10
N ILE A 264 -28.89 13.45 8.55
CA ILE A 264 -27.63 13.49 7.82
C ILE A 264 -26.58 12.72 8.57
N ARG A 265 -26.48 11.43 8.28
CA ARG A 265 -25.51 10.54 8.92
C ARG A 265 -24.11 10.95 8.53
N CYS A 266 -23.40 11.58 9.46
CA CYS A 266 -22.04 12.00 9.16
C CYS A 266 -20.99 11.22 9.93
N ARG A 267 -20.03 10.71 9.16
CA ARG A 267 -18.92 9.94 9.67
C ARG A 267 -17.75 10.89 9.80
N ILE A 268 -17.18 10.98 11.01
CA ILE A 268 -16.07 11.88 11.29
C ILE A 268 -14.79 11.13 11.73
N ARG A 269 -13.72 11.34 10.97
CA ARG A 269 -12.45 10.70 11.26
C ARG A 269 -11.32 11.75 11.40
N SER A 270 -10.35 11.50 12.27
CA SER A 270 -9.22 12.43 12.48
C SER A 270 -7.87 11.72 12.33
N LYS A 271 -6.85 12.51 12.03
CA LYS A 271 -5.50 11.99 11.84
C LYS A 271 -5.03 11.30 13.10
N GLY A 272 -5.13 12.00 14.23
CA GLY A 272 -4.73 11.40 15.48
C GLY A 272 -5.08 12.30 16.65
N ILE A 273 -6.34 12.71 16.73
CA ILE A 273 -6.77 13.60 17.80
C ILE A 273 -8.09 13.10 18.35
N THR A 274 -8.22 13.12 19.69
CA THR A 274 -9.46 12.69 20.34
C THR A 274 -10.64 13.44 19.72
N ILE A 275 -11.46 12.71 18.95
CA ILE A 275 -12.60 13.30 18.25
C ILE A 275 -13.99 12.85 18.73
N ASN A 276 -14.08 11.59 19.18
CA ASN A 276 -15.33 11.03 19.67
C ASN A 276 -15.85 11.89 20.81
N ASP A 277 -14.99 12.79 21.24
CA ASP A 277 -15.28 13.73 22.30
C ASP A 277 -16.52 14.53 21.88
N VAL A 278 -16.34 15.38 20.86
CA VAL A 278 -17.41 16.22 20.31
C VAL A 278 -18.56 15.37 19.80
N ALA A 279 -18.25 14.13 19.42
CA ALA A 279 -19.27 13.21 18.93
C ALA A 279 -20.41 13.10 19.95
N ASN A 280 -20.04 12.89 21.21
CA ASN A 280 -20.98 12.74 22.33
C ASN A 280 -21.76 14.00 22.56
N GLN A 281 -21.11 15.13 22.30
CA GLN A 281 -21.76 16.41 22.49
C GLN A 281 -23.01 16.49 21.61
N PHE A 282 -22.94 15.84 20.46
CA PHE A 282 -24.05 15.83 19.54
C PHE A 282 -24.85 14.54 19.59
N GLY A 283 -24.71 13.81 20.69
CA GLY A 283 -25.44 12.57 20.83
C GLY A 283 -24.85 11.43 20.02
N GLY A 284 -23.59 11.55 19.62
CA GLY A 284 -22.96 10.50 18.85
C GLY A 284 -21.99 9.68 19.67
N GLY A 285 -20.83 9.36 19.10
CA GLY A 285 -19.84 8.59 19.83
C GLY A 285 -19.02 7.70 18.92
N GLY A 286 -18.19 6.84 19.51
CA GLY A 286 -17.37 5.96 18.72
C GLY A 286 -15.92 6.04 19.17
N HIS A 287 -15.02 5.51 18.35
CA HIS A 287 -13.61 5.54 18.69
C HIS A 287 -13.15 6.99 18.64
N PRO A 288 -12.08 7.32 19.37
CA PRO A 288 -11.57 8.69 19.38
C PRO A 288 -10.98 9.13 18.03
N ASN A 289 -10.77 8.19 17.11
CA ASN A 289 -10.21 8.53 15.82
C ASN A 289 -11.14 8.34 14.64
N ALA A 290 -12.33 7.78 14.91
CA ALA A 290 -13.35 7.54 13.90
C ALA A 290 -14.72 7.29 14.55
N SER A 291 -15.48 8.38 14.72
CA SER A 291 -16.82 8.31 15.31
C SER A 291 -17.89 8.65 14.27
N GLY A 292 -19.14 8.71 14.71
CA GLY A 292 -20.23 9.02 13.82
C GLY A 292 -21.34 9.77 14.53
N VAL A 293 -22.03 10.62 13.78
CA VAL A 293 -23.11 11.42 14.34
C VAL A 293 -24.24 11.45 13.30
N SER A 294 -25.45 11.73 13.75
CA SER A 294 -26.58 11.78 12.84
C SER A 294 -27.39 13.04 13.05
N VAL A 295 -26.86 14.15 12.59
CA VAL A 295 -27.53 15.44 12.72
C VAL A 295 -28.86 15.44 11.93
N TYR A 296 -29.73 16.39 12.25
CA TYR A 296 -31.03 16.51 11.57
C TYR A 296 -31.04 17.63 10.54
N SER A 297 -29.92 18.32 10.37
CA SER A 297 -29.87 19.41 9.41
C SER A 297 -28.45 19.82 9.11
N TRP A 298 -28.26 20.53 8.00
CA TRP A 298 -26.92 20.98 7.64
C TRP A 298 -26.51 22.13 8.55
N ASP A 299 -27.49 22.84 9.11
CA ASP A 299 -27.17 23.94 10.01
C ASP A 299 -26.50 23.38 11.27
N GLU A 300 -26.96 22.20 11.67
CA GLU A 300 -26.45 21.48 12.83
C GLU A 300 -25.13 20.83 12.45
N PHE A 301 -25.04 20.41 11.19
CA PHE A 301 -23.83 19.79 10.65
C PHE A 301 -22.69 20.78 10.78
N GLU A 302 -23.04 22.05 10.60
CA GLU A 302 -22.07 23.11 10.69
C GLU A 302 -21.68 23.34 12.13
N GLU A 303 -22.62 23.21 13.05
CA GLU A 303 -22.27 23.40 14.45
C GLU A 303 -21.22 22.37 14.81
N LEU A 304 -21.37 21.18 14.26
CA LEU A 304 -20.44 20.09 14.49
C LEU A 304 -19.08 20.47 13.93
N ALA A 305 -19.08 21.07 12.74
CA ALA A 305 -17.85 21.50 12.11
C ALA A 305 -17.14 22.50 13.02
N GLN A 306 -17.91 23.44 13.55
CA GLN A 306 -17.38 24.46 14.43
C GLN A 306 -16.77 23.83 15.66
N ALA A 307 -17.47 22.87 16.24
CA ALA A 307 -17.00 22.17 17.44
C ALA A 307 -15.70 21.42 17.14
N LEU A 308 -15.68 20.74 15.99
CA LEU A 308 -14.50 19.98 15.57
C LEU A 308 -13.33 20.90 15.32
N ARG A 309 -13.58 21.97 14.59
CA ARG A 309 -12.53 22.92 14.27
C ARG A 309 -11.93 23.55 15.52
N GLN A 310 -12.77 23.84 16.52
CA GLN A 310 -12.33 24.46 17.78
C GLN A 310 -11.36 23.54 18.52
N LYS A 311 -11.53 22.24 18.29
CA LYS A 311 -10.69 21.22 18.88
C LYS A 311 -9.26 21.40 18.39
N LEU A 312 -9.12 21.96 17.19
CA LEU A 312 -7.81 22.19 16.62
C LEU A 312 -7.10 23.39 17.24
N LEU A 313 -7.82 24.19 18.02
CA LEU A 313 -7.19 25.36 18.62
C LEU A 313 -6.37 24.95 19.85
N GLU A 314 -6.81 23.90 20.55
CA GLU A 314 -6.11 23.43 21.75
C GLU A 314 -4.76 22.79 21.41
N HIS A 315 -4.61 22.36 20.17
CA HIS A 315 -3.38 21.73 19.71
C HIS A 315 -2.73 22.63 18.65
N HIS A 316 -1.41 22.71 18.65
CA HIS A 316 -0.66 23.52 17.68
C HIS A 316 0.85 23.42 17.93
N VAL B 2 35.61 -12.55 -6.24
CA VAL B 2 34.33 -13.16 -6.56
C VAL B 2 33.27 -12.52 -5.69
N GLU B 3 33.71 -11.99 -4.55
CA GLU B 3 32.81 -11.34 -3.59
C GLU B 3 32.90 -9.81 -3.67
N ILE B 4 32.36 -9.25 -4.75
CA ILE B 4 32.37 -7.82 -5.01
C ILE B 4 32.17 -6.92 -3.77
N PHE B 5 31.26 -7.29 -2.87
CA PHE B 5 31.03 -6.50 -1.65
C PHE B 5 32.32 -6.14 -0.92
N ASN B 6 33.24 -7.10 -0.86
CA ASN B 6 34.52 -6.94 -0.18
C ASN B 6 35.44 -6.00 -0.94
N GLU B 7 35.44 -6.13 -2.26
CA GLU B 7 36.27 -5.29 -3.10
C GLU B 7 35.77 -3.84 -2.99
N ILE B 8 34.47 -3.66 -2.79
CA ILE B 8 33.94 -2.32 -2.65
C ILE B 8 34.41 -1.74 -1.33
N GLN B 10 36.72 -2.41 0.36
CA GLN B 10 38.17 -2.24 0.36
C GLN B 10 38.45 -0.87 -0.25
N ARG B 11 38.04 -0.69 -1.49
CA ARG B 11 38.24 0.58 -2.18
C ARG B 11 37.78 1.74 -1.29
N VAL B 12 36.77 1.49 -0.46
CA VAL B 12 36.21 2.49 0.47
C VAL B 12 37.19 2.79 1.61
N LYS B 13 37.66 1.75 2.28
CA LYS B 13 38.59 1.95 3.38
C LYS B 13 39.84 2.70 2.95
N GLU B 14 40.17 2.62 1.66
CA GLU B 14 41.35 3.29 1.12
C GLU B 14 41.00 4.53 0.31
N ALA B 15 40.38 5.51 0.97
CA ALA B 15 40.00 6.78 0.36
C ALA B 15 39.47 7.63 1.52
N GLU B 16 40.06 8.82 1.71
CA GLU B 16 39.67 9.69 2.82
C GLU B 16 38.34 10.38 2.53
N THR B 17 37.95 10.37 1.26
CA THR B 17 36.71 10.99 0.85
C THR B 17 36.09 10.30 -0.37
N ILE B 18 34.80 9.98 -0.25
CA ILE B 18 34.05 9.34 -1.32
C ILE B 18 32.71 10.05 -1.49
N ILE B 19 32.29 10.23 -2.74
CA ILE B 19 31.01 10.88 -3.02
C ILE B 19 30.07 9.93 -3.76
N ILE B 20 28.79 10.05 -3.47
CA ILE B 20 27.79 9.18 -4.09
C ILE B 20 26.84 9.92 -5.03
N HIS B 21 26.49 9.26 -6.13
CA HIS B 21 25.59 9.81 -7.14
C HIS B 21 24.38 8.93 -7.39
N ARG B 22 23.43 9.44 -8.16
CA ARG B 22 22.22 8.69 -8.48
C ARG B 22 21.70 9.19 -9.80
N HIS B 23 20.74 8.50 -10.38
CA HIS B 23 20.23 8.94 -11.66
C HIS B 23 19.51 10.29 -11.59
N VAL B 24 19.27 10.89 -12.74
CA VAL B 24 18.61 12.18 -12.86
C VAL B 24 17.30 12.24 -12.09
N ARG B 25 16.16 12.08 -12.77
CA ARG B 25 14.86 12.11 -12.08
C ARG B 25 14.94 11.17 -10.88
N PRO B 26 15.06 11.73 -9.66
CA PRO B 26 15.16 10.93 -8.43
C PRO B 26 13.85 10.28 -7.98
N ASP B 27 13.97 9.16 -7.28
CA ASP B 27 12.83 8.44 -6.75
C ASP B 27 13.17 8.08 -5.31
N PRO B 28 12.18 7.68 -4.51
CA PRO B 28 12.50 7.32 -3.13
C PRO B 28 13.69 6.37 -2.95
N ASP B 29 13.81 5.35 -3.80
CA ASP B 29 14.92 4.38 -3.73
C ASP B 29 16.25 5.09 -4.03
N ALA B 30 16.32 5.70 -5.21
CA ALA B 30 17.51 6.42 -5.62
C ALA B 30 17.89 7.38 -4.51
N TYR B 31 16.90 7.80 -3.72
CA TYR B 31 17.19 8.72 -2.64
C TYR B 31 17.67 7.96 -1.42
N GLY B 32 16.89 6.99 -0.99
CA GLY B 32 17.26 6.20 0.17
C GLY B 32 18.57 5.47 -0.02
N SER B 33 18.76 4.89 -1.21
CA SER B 33 19.98 4.15 -1.47
C SER B 33 21.20 5.06 -1.39
N GLN B 34 21.09 6.29 -1.87
CA GLN B 34 22.21 7.21 -1.82
C GLN B 34 22.42 7.63 -0.35
N LEU B 35 21.49 8.41 0.18
CA LEU B 35 21.60 8.87 1.56
C LEU B 35 21.89 7.73 2.52
N GLY B 36 21.38 6.54 2.19
CA GLY B 36 21.60 5.38 3.03
C GLY B 36 23.06 4.96 3.06
N LEU B 37 23.63 4.70 1.88
CA LEU B 37 25.02 4.30 1.80
C LEU B 37 25.83 5.34 2.55
N LYS B 38 25.55 6.61 2.27
CA LYS B 38 26.23 7.73 2.92
C LYS B 38 26.13 7.67 4.45
N LEU B 39 24.91 7.78 4.97
CA LEU B 39 24.63 7.73 6.40
C LEU B 39 25.33 6.55 7.07
N TYR B 40 25.40 5.44 6.34
CA TYR B 40 26.04 4.22 6.82
C TYR B 40 27.54 4.46 6.95
N LEU B 41 28.17 4.86 5.85
CA LEU B 41 29.60 5.11 5.83
C LEU B 41 29.97 6.09 6.93
N GLU B 42 29.31 7.25 6.94
CA GLU B 42 29.54 8.27 7.96
C GLU B 42 29.51 7.70 9.37
N ARG B 43 28.86 6.56 9.54
CA ARG B 43 28.77 5.92 10.86
C ARG B 43 29.95 4.97 11.06
N LYS B 44 30.47 4.43 9.97
CA LYS B 44 31.57 3.49 10.02
C LYS B 44 32.95 4.16 10.01
N PHE B 45 33.15 5.15 9.15
CA PHE B 45 34.43 5.86 9.07
C PHE B 45 34.28 7.37 9.23
N PRO B 46 33.90 7.84 10.43
CA PRO B 46 33.71 9.28 10.69
C PRO B 46 34.92 10.15 10.34
N GLU B 47 36.07 9.50 10.18
CA GLU B 47 37.35 10.13 9.84
C GLU B 47 37.41 10.50 8.35
N LYS B 48 36.45 9.99 7.58
CA LYS B 48 36.41 10.26 6.14
C LYS B 48 35.36 11.30 5.80
N ASN B 49 35.27 11.67 4.53
CA ASN B 49 34.29 12.65 4.10
C ASN B 49 33.35 12.04 3.06
N ILE B 50 32.11 11.79 3.46
CA ILE B 50 31.13 11.23 2.56
C ILE B 50 30.13 12.31 2.16
N TYR B 51 29.89 12.42 0.86
CA TYR B 51 28.98 13.41 0.28
C TYR B 51 28.03 12.78 -0.74
N ALA B 52 26.84 13.37 -0.89
CA ALA B 52 25.87 12.88 -1.87
C ALA B 52 25.44 14.05 -2.74
N THR B 53 25.81 14.02 -4.03
CA THR B 53 25.48 15.10 -4.97
C THR B 53 24.21 14.80 -5.71
N GLY B 54 23.47 15.86 -6.00
CA GLY B 54 22.23 15.70 -6.72
C GLY B 54 21.57 17.03 -6.93
N GLU B 55 20.59 17.07 -7.83
CA GLU B 55 19.86 18.30 -8.12
C GLU B 55 19.03 18.69 -6.90
N ALA B 56 18.53 17.67 -6.18
CA ALA B 56 17.72 17.87 -4.98
C ALA B 56 16.25 18.16 -5.29
N GLU B 57 15.45 17.10 -5.32
CA GLU B 57 14.00 17.16 -5.59
C GLU B 57 13.23 17.51 -4.30
N PRO B 58 12.61 18.72 -4.24
CA PRO B 58 11.86 19.15 -3.05
C PRO B 58 10.77 18.15 -2.62
N SER B 59 10.38 17.29 -3.56
CA SER B 59 9.38 16.26 -3.32
C SER B 59 9.92 15.27 -2.26
N LEU B 60 11.20 14.91 -2.39
CA LEU B 60 11.84 13.97 -1.46
C LEU B 60 12.69 14.69 -0.41
N SER B 61 12.47 15.99 -0.25
CA SER B 61 13.20 16.80 0.71
C SER B 61 13.17 16.17 2.11
N PHE B 62 12.04 15.61 2.49
CA PHE B 62 11.88 15.01 3.81
C PHE B 62 12.78 13.79 4.06
N ILE B 63 13.15 13.08 3.00
CA ILE B 63 14.01 11.90 3.11
C ILE B 63 15.38 12.31 3.63
N GLY B 64 15.90 13.39 3.06
CA GLY B 64 17.20 13.90 3.45
C GLY B 64 17.74 14.89 2.44
N ASP B 65 18.56 15.83 2.90
CA ASP B 65 19.15 16.84 2.03
C ASP B 65 20.45 16.34 1.39
N LEU B 66 20.85 16.93 0.28
CA LEU B 66 22.08 16.52 -0.38
C LEU B 66 23.26 17.43 0.02
N ASP B 67 24.45 17.15 -0.51
CA ASP B 67 25.63 17.94 -0.20
C ASP B 67 26.07 18.75 -1.41
N GLU B 68 26.65 19.91 -1.15
CA GLU B 68 27.13 20.80 -2.21
C GLU B 68 28.63 20.55 -2.42
N ILE B 69 28.92 19.75 -3.43
CA ILE B 69 30.29 19.38 -3.78
C ILE B 69 30.99 20.53 -4.51
N ASP B 70 32.24 20.80 -4.13
CA ASP B 70 33.02 21.88 -4.72
C ASP B 70 33.82 21.48 -5.96
N ASP B 71 33.39 20.41 -6.61
CA ASP B 71 34.01 19.92 -7.85
C ASP B 71 35.53 19.69 -7.83
N SER B 72 36.18 20.22 -6.81
CA SER B 72 37.62 20.08 -6.65
C SER B 72 37.92 19.02 -5.61
N VAL B 73 36.86 18.47 -5.00
CA VAL B 73 37.05 17.43 -4.00
C VAL B 73 37.19 16.09 -4.76
N TYR B 74 36.72 16.10 -6.01
CA TYR B 74 36.82 14.93 -6.87
C TYR B 74 38.26 14.55 -7.18
N SER B 75 39.18 15.41 -6.73
CA SER B 75 40.62 15.24 -6.93
C SER B 75 41.07 13.80 -6.66
N ASP B 76 41.11 13.45 -5.39
CA ASP B 76 41.52 12.10 -5.02
C ASP B 76 40.43 11.50 -4.15
N ALA B 77 39.33 11.11 -4.81
CA ALA B 77 38.21 10.53 -4.12
C ALA B 77 37.56 9.42 -4.93
N LEU B 78 36.82 8.57 -4.24
CA LEU B 78 36.11 7.44 -4.84
C LEU B 78 34.67 7.84 -5.14
N VAL B 79 34.25 7.64 -6.37
CA VAL B 79 32.90 7.97 -6.80
C VAL B 79 32.04 6.70 -6.88
N ILE B 80 30.88 6.75 -6.23
CA ILE B 80 29.92 5.63 -6.19
C ILE B 80 28.58 6.04 -6.80
N VAL B 81 28.36 5.66 -8.05
CA VAL B 81 27.11 5.97 -8.76
C VAL B 81 26.06 4.94 -8.36
N CYS B 82 25.33 5.30 -7.33
CA CYS B 82 24.31 4.47 -6.76
C CYS B 82 22.99 4.51 -7.56
N ASP B 83 22.46 3.34 -7.90
CA ASP B 83 21.19 3.21 -8.64
C ASP B 83 21.06 4.05 -9.90
N THR B 84 21.54 3.52 -11.02
CA THR B 84 21.46 4.24 -12.27
C THR B 84 21.74 3.29 -13.43
N ALA B 85 20.71 3.05 -14.23
CA ALA B 85 20.80 2.18 -15.39
C ALA B 85 22.00 2.56 -16.27
N ASN B 86 21.85 3.65 -17.00
CA ASN B 86 22.90 4.14 -17.89
C ASN B 86 23.61 5.39 -17.34
N ALA B 87 24.92 5.45 -17.58
CA ALA B 87 25.77 6.55 -17.12
C ALA B 87 25.27 7.95 -17.50
N PRO B 88 24.95 8.19 -18.79
CA PRO B 88 24.47 9.51 -19.19
C PRO B 88 23.32 10.00 -18.31
N ARG B 89 22.55 9.05 -17.79
CA ARG B 89 21.40 9.33 -16.93
C ARG B 89 21.77 9.57 -15.48
N ILE B 90 23.06 9.62 -15.20
CA ILE B 90 23.55 9.87 -13.84
C ILE B 90 23.38 11.37 -13.60
N ASP B 91 23.10 11.75 -12.35
CA ASP B 91 22.88 13.16 -12.08
C ASP B 91 24.09 14.02 -12.31
N ASP B 92 24.81 14.35 -11.25
CA ASP B 92 26.00 15.17 -11.39
C ASP B 92 26.94 14.47 -12.36
N GLN B 93 27.32 15.13 -13.46
CA GLN B 93 28.19 14.50 -14.47
C GLN B 93 29.70 14.52 -14.20
N ARG B 94 30.11 15.15 -13.11
CA ARG B 94 31.53 15.20 -12.79
C ARG B 94 31.97 13.97 -12.00
N TYR B 95 31.18 12.91 -12.09
CA TYR B 95 31.48 11.67 -11.39
C TYR B 95 32.71 11.01 -12.01
N LEU B 96 32.81 11.07 -13.33
CA LEU B 96 33.94 10.47 -14.04
C LEU B 96 35.24 11.22 -13.73
N ASN B 97 35.14 12.26 -12.91
CA ASN B 97 36.30 13.04 -12.54
C ASN B 97 36.79 12.67 -11.14
N GLY B 98 36.79 11.38 -10.85
CA GLY B 98 37.26 10.92 -9.57
C GLY B 98 38.38 9.93 -9.78
N GLN B 99 38.98 9.49 -8.68
CA GLN B 99 40.07 8.51 -8.72
C GLN B 99 39.57 7.26 -9.48
N SER B 100 38.68 6.49 -8.83
CA SER B 100 38.07 5.29 -9.42
C SER B 100 36.53 5.33 -9.31
N LEU B 101 35.85 4.61 -10.20
CA LEU B 101 34.38 4.57 -10.23
C LEU B 101 33.81 3.21 -9.88
N ILE B 102 32.78 3.22 -9.04
CA ILE B 102 32.12 1.99 -8.62
C ILE B 102 30.60 2.21 -8.62
N LYS B 103 29.87 1.29 -9.24
CA LYS B 103 28.41 1.41 -9.32
C LYS B 103 27.63 0.23 -8.73
N ILE B 104 26.50 0.55 -8.12
CA ILE B 104 25.64 -0.44 -7.51
C ILE B 104 24.24 -0.18 -8.03
N ASP B 105 23.66 -1.15 -8.71
CA ASP B 105 22.33 -0.95 -9.25
C ASP B 105 21.54 -2.24 -9.30
N HIS B 106 20.25 -2.16 -9.58
CA HIS B 106 19.39 -3.35 -9.66
C HIS B 106 18.70 -3.45 -11.00
N HIS B 107 19.13 -2.64 -11.95
CA HIS B 107 18.55 -2.66 -13.29
C HIS B 107 19.39 -3.56 -14.15
N PRO B 108 18.83 -4.00 -15.29
CA PRO B 108 19.61 -4.87 -16.16
C PRO B 108 20.98 -4.26 -16.51
N ALA B 109 22.02 -5.08 -16.43
CA ALA B 109 23.38 -4.64 -16.73
C ALA B 109 23.62 -4.40 -18.21
N THR B 110 23.38 -3.18 -18.67
CA THR B 110 23.60 -2.87 -20.08
C THR B 110 24.73 -1.86 -20.24
N ASP B 111 24.97 -1.07 -19.21
CA ASP B 111 26.03 -0.06 -19.25
C ASP B 111 27.32 -0.60 -18.64
N GLN B 112 27.25 -1.12 -17.42
CA GLN B 112 28.45 -1.65 -16.76
C GLN B 112 29.54 -0.60 -16.60
N TYR B 113 29.14 0.67 -16.58
CA TYR B 113 30.05 1.79 -16.41
C TYR B 113 30.74 1.64 -15.07
N GLY B 114 31.92 2.21 -14.89
CA GLY B 114 32.58 2.06 -13.61
C GLY B 114 33.43 0.80 -13.50
N ASP B 115 34.51 0.93 -12.73
CA ASP B 115 35.48 -0.14 -12.51
C ASP B 115 34.82 -1.39 -11.96
N VAL B 116 34.31 -1.30 -10.74
CA VAL B 116 33.64 -2.41 -10.09
C VAL B 116 32.14 -2.28 -10.29
N ASN B 117 31.53 -3.29 -10.90
CA ASN B 117 30.09 -3.23 -11.13
C ASN B 117 29.34 -4.35 -10.41
N PHE B 118 28.41 -3.96 -9.54
CA PHE B 118 27.60 -4.92 -8.80
C PHE B 118 26.13 -4.66 -9.05
N VAL B 119 25.49 -5.52 -9.84
CA VAL B 119 24.07 -5.38 -10.16
C VAL B 119 23.26 -6.60 -9.76
N ASN B 120 22.49 -6.47 -8.68
CA ASN B 120 21.67 -7.57 -8.18
C ASN B 120 20.32 -7.42 -8.88
N THR B 121 20.26 -7.90 -10.10
CA THR B 121 19.08 -7.84 -10.93
C THR B 121 17.84 -8.32 -10.15
N GLU B 122 18.00 -9.36 -9.36
CA GLU B 122 16.89 -9.90 -8.60
C GLU B 122 16.49 -9.13 -7.33
N ALA B 123 17.16 -8.01 -7.07
CA ALA B 123 16.86 -7.19 -5.89
C ALA B 123 15.64 -6.28 -6.13
N SER B 124 14.85 -6.03 -5.08
CA SER B 124 13.66 -5.19 -5.23
C SER B 124 14.05 -3.76 -5.46
N SER B 125 15.24 -3.40 -5.02
CA SER B 125 15.66 -2.03 -5.15
C SER B 125 17.09 -1.89 -4.73
N THR B 126 17.71 -0.78 -5.11
CA THR B 126 19.08 -0.55 -4.71
C THR B 126 19.19 -0.45 -3.19
N SER B 127 18.22 0.19 -2.55
CA SER B 127 18.20 0.32 -1.11
C SER B 127 18.41 -1.06 -0.51
N GLU B 128 17.64 -2.00 -1.04
CA GLU B 128 17.74 -3.36 -0.58
C GLU B 128 19.18 -3.89 -0.72
N ILE B 129 19.84 -3.57 -1.82
CA ILE B 129 21.21 -4.00 -2.05
C ILE B 129 22.12 -3.40 -0.98
N ILE B 130 21.81 -2.18 -0.60
CA ILE B 130 22.57 -1.49 0.42
C ILE B 130 22.42 -2.22 1.76
N PHE B 131 21.20 -2.62 2.08
CA PHE B 131 21.02 -3.32 3.34
C PHE B 131 21.85 -4.60 3.35
N ASP B 132 21.86 -5.26 2.20
CA ASP B 132 22.60 -6.50 2.01
C ASP B 132 24.08 -6.26 2.28
N PHE B 133 24.59 -5.19 1.70
CA PHE B 133 25.99 -4.79 1.84
C PHE B 133 26.37 -4.59 3.30
N ILE B 134 25.67 -3.67 3.96
CA ILE B 134 25.98 -3.38 5.35
C ILE B 134 25.74 -4.62 6.22
N SER B 135 24.78 -5.44 5.83
CA SER B 135 24.46 -6.64 6.56
C SER B 135 25.59 -7.65 6.42
N HIS B 136 26.35 -7.52 5.35
CA HIS B 136 27.48 -8.41 5.07
C HIS B 136 28.69 -8.02 5.89
N PHE B 137 28.57 -6.91 6.60
CA PHE B 137 29.68 -6.47 7.40
C PHE B 137 29.28 -6.39 8.85
N ASN B 138 28.24 -7.15 9.19
CA ASN B 138 27.71 -7.21 10.55
C ASN B 138 27.54 -5.85 11.22
N ASP B 139 27.33 -4.83 10.41
CA ASP B 139 27.16 -3.48 10.92
C ASP B 139 25.69 -3.15 11.21
N LEU B 140 24.86 -4.15 11.44
CA LEU B 140 23.46 -3.89 11.73
C LEU B 140 23.29 -3.23 13.10
N SER B 141 24.41 -3.06 13.79
CA SER B 141 24.46 -2.47 15.12
C SER B 141 24.97 -1.04 15.02
N ILE B 142 25.90 -0.82 14.10
CA ILE B 142 26.49 0.49 13.84
C ILE B 142 25.44 1.41 13.22
N ILE B 143 24.49 0.81 12.49
CA ILE B 143 23.41 1.54 11.84
C ILE B 143 22.37 1.97 12.89
N ASP B 144 21.63 3.02 12.59
CA ASP B 144 20.59 3.53 13.51
C ASP B 144 19.31 4.00 12.81
N GLU B 145 18.41 4.57 13.59
CA GLU B 145 17.13 5.05 13.08
C GLU B 145 17.26 5.94 11.86
N HIS B 146 18.29 6.78 11.83
CA HIS B 146 18.48 7.68 10.69
C HIS B 146 18.76 6.98 9.38
N VAL B 147 19.59 5.95 9.43
CA VAL B 147 19.95 5.21 8.24
C VAL B 147 18.82 4.36 7.71
N ALA B 148 18.24 3.58 8.60
CA ALA B 148 17.14 2.70 8.23
C ALA B 148 15.99 3.47 7.59
N ARG B 149 15.76 4.69 8.08
CA ARG B 149 14.69 5.53 7.56
C ARG B 149 14.70 5.58 6.04
N VAL B 150 15.81 6.06 5.49
CA VAL B 150 15.93 6.17 4.06
C VAL B 150 15.79 4.84 3.36
N LEU B 151 16.52 3.84 3.84
CA LEU B 151 16.48 2.50 3.28
C LEU B 151 15.03 1.98 3.19
N TYR B 152 14.26 2.11 4.28
CA TYR B 152 12.85 1.68 4.28
C TYR B 152 12.14 2.43 3.16
N LEU B 153 11.96 3.72 3.37
CA LEU B 153 11.33 4.60 2.40
C LEU B 153 11.73 4.21 0.98
N GLY B 154 13.02 3.91 0.79
CA GLY B 154 13.53 3.52 -0.53
C GLY B 154 12.87 2.26 -1.05
N ILE B 155 12.95 1.19 -0.27
CA ILE B 155 12.32 -0.05 -0.69
C ILE B 155 10.83 0.22 -0.89
N VAL B 156 10.22 0.91 0.07
CA VAL B 156 8.80 1.26 0.02
C VAL B 156 8.36 1.87 -1.32
N GLY B 157 8.98 2.98 -1.72
CA GLY B 157 8.63 3.62 -2.97
C GLY B 157 8.87 2.76 -4.21
N ASP B 158 10.05 2.16 -4.32
CA ASP B 158 10.39 1.34 -5.48
C ASP B 158 9.48 0.13 -5.66
N THR B 159 8.77 -0.27 -4.62
CA THR B 159 7.85 -1.41 -4.72
C THR B 159 6.41 -1.02 -4.43
N GLY B 160 6.17 0.29 -4.29
CA GLY B 160 4.84 0.76 -3.98
C GLY B 160 4.28 0.08 -2.73
N ARG B 161 5.02 0.15 -1.64
CA ARG B 161 4.60 -0.47 -0.38
C ARG B 161 4.41 -1.96 -0.55
N PHE B 162 5.49 -2.63 -0.95
CA PHE B 162 5.48 -4.08 -1.17
C PHE B 162 4.26 -4.53 -1.92
N LEU B 163 3.94 -3.88 -3.02
CA LEU B 163 2.78 -4.30 -3.80
C LEU B 163 3.20 -4.88 -5.13
N PHE B 164 4.16 -4.22 -5.76
CA PHE B 164 4.68 -4.64 -7.05
C PHE B 164 5.24 -6.04 -7.05
N SER B 165 5.36 -6.61 -8.24
CA SER B 165 5.87 -7.95 -8.38
C SER B 165 7.33 -8.08 -7.94
N ASN B 166 8.06 -6.98 -7.94
CA ASN B 166 9.47 -7.00 -7.53
C ASN B 166 9.65 -7.24 -6.03
N THR B 167 8.54 -7.45 -5.33
CA THR B 167 8.58 -7.68 -3.89
C THR B 167 8.76 -9.16 -3.61
N SER B 168 9.89 -9.50 -3.02
CA SER B 168 10.19 -10.89 -2.69
C SER B 168 10.13 -11.10 -1.19
N PRO B 169 10.11 -12.36 -0.76
CA PRO B 169 10.06 -12.66 0.66
C PRO B 169 11.27 -12.07 1.38
N HIS B 170 12.38 -11.91 0.64
CA HIS B 170 13.57 -11.35 1.25
C HIS B 170 13.29 -9.87 1.44
N THR B 171 12.70 -9.24 0.42
CA THR B 171 12.40 -7.82 0.50
C THR B 171 11.62 -7.58 1.77
N GLU B 173 11.49 -9.32 4.51
CA GLU B 173 12.41 -9.53 5.64
C GLU B 173 13.28 -8.32 5.91
N VAL B 174 13.82 -7.74 4.86
CA VAL B 174 14.65 -6.56 5.02
C VAL B 174 13.77 -5.45 5.63
N ALA B 175 12.58 -5.24 5.07
CA ALA B 175 11.66 -4.24 5.57
C ALA B 175 11.43 -4.53 7.04
N SER B 176 11.20 -5.80 7.34
CA SER B 176 10.97 -6.24 8.70
C SER B 176 12.10 -5.74 9.60
N GLN B 177 13.33 -6.03 9.19
CA GLN B 177 14.48 -5.65 9.97
C GLN B 177 14.67 -4.15 10.18
N LEU B 178 14.35 -3.35 9.16
CA LEU B 178 14.51 -1.91 9.27
C LEU B 178 13.54 -1.30 10.30
N LEU B 179 12.30 -1.79 10.33
CA LEU B 179 11.28 -1.30 11.27
C LEU B 179 11.67 -1.50 12.72
N ALA B 180 12.61 -2.41 12.96
CA ALA B 180 13.09 -2.67 14.31
C ALA B 180 13.57 -1.34 14.88
N TYR B 181 14.32 -0.59 14.06
CA TYR B 181 14.83 0.72 14.46
C TYR B 181 13.73 1.77 14.66
N PRO B 182 13.76 2.50 15.79
CA PRO B 182 12.76 3.51 16.10
C PRO B 182 12.72 4.70 15.14
N PHE B 183 11.62 4.86 14.42
CA PHE B 183 11.50 5.97 13.49
C PHE B 183 10.06 6.20 13.02
N ASN B 184 9.18 5.26 13.36
CA ASN B 184 7.76 5.35 13.00
C ASN B 184 7.50 5.41 11.50
N HIS B 185 7.19 4.25 10.94
CA HIS B 185 6.93 4.17 9.52
C HIS B 185 5.64 4.88 9.16
N ASN B 186 4.60 4.72 9.98
CA ASN B 186 3.32 5.35 9.68
C ASN B 186 3.45 6.82 9.34
N ALA B 187 4.20 7.55 10.17
CA ALA B 187 4.44 8.97 9.96
C ALA B 187 5.18 9.18 8.64
N GLU B 188 6.40 8.66 8.57
CA GLU B 188 7.23 8.77 7.38
C GLU B 188 6.43 8.45 6.14
N LEU B 189 5.69 7.34 6.18
CA LEU B 189 4.88 6.92 5.02
C LEU B 189 3.89 7.98 4.57
N ASN B 190 3.14 8.55 5.52
CA ASN B 190 2.15 9.58 5.21
C ASN B 190 2.75 10.81 4.55
N LYS B 191 3.81 11.34 5.15
CA LYS B 191 4.47 12.50 4.58
C LYS B 191 4.91 12.20 3.15
N SER B 193 3.07 10.08 1.20
CA SER B 193 1.82 9.87 0.49
C SER B 193 0.99 11.12 0.35
N GLU B 194 1.44 12.21 0.98
CA GLU B 194 0.71 13.45 0.88
C GLU B 194 0.36 13.78 -0.56
N LYS B 195 -0.69 14.56 -0.77
CA LYS B 195 -1.13 14.97 -2.09
C LYS B 195 -1.52 16.44 -2.08
N ASP B 196 -1.50 17.08 -3.25
CA ASP B 196 -1.86 18.49 -3.36
C ASP B 196 -3.35 18.65 -3.64
N PRO B 197 -4.09 19.29 -2.71
CA PRO B 197 -5.53 19.47 -2.91
C PRO B 197 -5.82 20.24 -4.19
N LYS B 198 -4.88 21.06 -4.60
CA LYS B 198 -5.01 21.87 -5.81
C LYS B 198 -5.38 21.01 -7.02
N LEU B 199 -4.69 19.89 -7.18
CA LEU B 199 -4.93 19.00 -8.31
C LEU B 199 -6.09 18.05 -8.10
N PRO B 201 -9.36 18.47 -7.57
CA PRO B 201 -10.58 18.80 -8.29
C PRO B 201 -10.50 18.25 -9.71
N PHE B 202 -9.36 18.48 -10.36
CA PHE B 202 -9.10 18.00 -11.70
C PHE B 202 -9.21 16.46 -11.75
N GLN B 203 -8.56 15.81 -10.79
CA GLN B 203 -8.56 14.36 -10.69
C GLN B 203 -9.99 13.85 -10.65
N GLY B 204 -10.88 14.70 -10.15
CA GLY B 204 -12.29 14.33 -10.06
C GLY B 204 -12.86 14.31 -11.46
N TYR B 205 -12.34 15.21 -12.29
CA TYR B 205 -12.76 15.31 -13.69
C TYR B 205 -12.40 14.01 -14.43
N VAL B 206 -11.19 13.56 -14.22
CA VAL B 206 -10.71 12.34 -14.82
C VAL B 206 -11.63 11.21 -14.45
N LEU B 207 -12.11 11.21 -13.21
CA LEU B 207 -12.98 10.16 -12.73
C LEU B 207 -14.38 10.26 -13.29
N GLN B 208 -14.75 11.48 -13.68
CA GLN B 208 -16.08 11.77 -14.25
C GLN B 208 -16.11 11.67 -15.78
N ASN B 209 -14.93 11.54 -16.39
CA ASN B 209 -14.84 11.42 -17.83
C ASN B 209 -13.96 10.24 -18.22
N PHE B 210 -14.55 9.06 -18.22
CA PHE B 210 -13.85 7.86 -18.56
C PHE B 210 -13.99 7.53 -19.99
N GLU B 211 -13.90 6.23 -20.25
CA GLU B 211 -14.03 5.71 -21.58
C GLU B 211 -13.73 4.22 -21.47
N LEU B 212 -14.60 3.46 -20.81
CA LEU B 212 -14.37 2.03 -20.69
C LEU B 212 -15.08 1.22 -21.76
N SER B 213 -14.45 0.14 -22.16
CA SER B 213 -15.02 -0.75 -23.17
C SER B 213 -16.22 -1.43 -22.50
N ASP B 214 -17.06 -2.06 -23.31
CA ASP B 214 -18.23 -2.76 -22.78
C ASP B 214 -17.71 -3.92 -21.92
N SER B 215 -16.48 -4.32 -22.21
CA SER B 215 -15.82 -5.42 -21.52
C SER B 215 -14.96 -4.97 -20.35
N HIS B 216 -14.79 -3.65 -20.23
CA HIS B 216 -13.97 -3.04 -19.18
C HIS B 216 -12.46 -3.23 -19.38
N GLU B 217 -12.08 -3.94 -20.44
CA GLU B 217 -10.65 -4.20 -20.69
C GLU B 217 -9.85 -2.98 -21.14
N TYR B 218 -10.51 -2.02 -21.79
CA TYR B 218 -9.88 -0.80 -22.28
C TYR B 218 -10.52 0.45 -21.68
N CYS B 219 -9.66 1.42 -21.32
CA CYS B 219 -10.08 2.68 -20.74
C CYS B 219 -9.16 3.84 -21.16
N GLN B 220 -9.74 4.99 -21.52
CA GLN B 220 -8.98 6.17 -21.94
C GLN B 220 -9.57 7.46 -21.37
N ILE B 221 -8.78 8.53 -21.41
CA ILE B 221 -9.18 9.84 -20.90
C ILE B 221 -8.62 10.94 -21.77
N LYS B 222 -9.50 11.69 -22.43
CA LYS B 222 -9.06 12.79 -23.28
C LYS B 222 -9.05 14.11 -22.52
N ILE B 223 -7.86 14.66 -22.29
CA ILE B 223 -7.72 15.93 -21.59
C ILE B 223 -7.53 17.05 -22.61
N THR B 224 -8.65 17.63 -23.04
CA THR B 224 -8.63 18.71 -24.03
C THR B 224 -8.00 19.97 -23.46
N ASN B 225 -7.43 20.79 -24.33
CA ASN B 225 -6.82 22.00 -23.83
C ASN B 225 -7.78 22.80 -22.95
N ASP B 226 -9.08 22.72 -23.26
CA ASP B 226 -10.08 23.46 -22.47
C ASP B 226 -10.00 23.11 -20.99
N VAL B 227 -10.16 21.83 -20.68
CA VAL B 227 -10.12 21.39 -19.29
C VAL B 227 -8.76 21.74 -18.65
N LEU B 228 -7.71 21.76 -19.46
CA LEU B 228 -6.40 22.10 -18.93
C LEU B 228 -6.35 23.50 -18.36
N LYS B 229 -7.23 24.37 -18.82
CA LYS B 229 -7.28 25.73 -18.33
C LYS B 229 -8.52 26.00 -17.49
N GLN B 230 -9.52 25.13 -17.67
CA GLN B 230 -10.75 25.20 -16.90
C GLN B 230 -10.40 24.88 -15.46
N PHE B 231 -9.46 23.95 -15.27
CA PHE B 231 -9.02 23.56 -13.93
C PHE B 231 -7.71 24.20 -13.60
N ASP B 232 -7.22 25.05 -14.50
CA ASP B 232 -5.95 25.75 -14.33
C ASP B 232 -4.82 24.81 -13.89
N ILE B 233 -4.31 24.02 -14.84
CA ILE B 233 -3.20 23.10 -14.58
C ILE B 233 -2.34 22.96 -15.81
N GLN B 234 -1.05 22.83 -15.60
CA GLN B 234 -0.15 22.67 -16.72
C GLN B 234 -0.29 21.28 -17.30
N PRO B 235 0.04 21.13 -18.60
CA PRO B 235 -0.05 19.83 -19.28
C PRO B 235 0.79 18.79 -18.53
N ASN B 236 1.91 19.22 -17.96
CA ASN B 236 2.74 18.29 -17.22
C ASN B 236 2.02 17.75 -16.01
N GLU B 237 1.57 18.66 -15.16
CA GLU B 237 0.86 18.29 -13.94
C GLU B 237 -0.26 17.28 -14.16
N ALA B 238 -1.15 17.58 -15.09
CA ALA B 238 -2.28 16.67 -15.36
C ALA B 238 -1.81 15.30 -15.83
N SER B 239 -0.67 15.27 -16.51
CA SER B 239 -0.12 14.01 -17.03
C SER B 239 0.34 13.02 -15.97
N GLN B 240 0.27 13.41 -14.70
CA GLN B 240 0.71 12.52 -13.63
C GLN B 240 -0.46 11.67 -13.12
N PHE B 241 -1.65 11.97 -13.62
CA PHE B 241 -2.83 11.23 -13.23
C PHE B 241 -3.11 10.10 -14.21
N VAL B 242 -2.10 9.34 -14.56
CA VAL B 242 -2.35 8.28 -15.53
C VAL B 242 -3.02 7.12 -14.85
N ASN B 243 -2.36 6.64 -13.81
CA ASN B 243 -2.86 5.50 -13.06
C ASN B 243 -4.05 5.84 -12.16
N THR B 244 -4.85 6.83 -12.55
CA THR B 244 -5.98 7.20 -11.74
C THR B 244 -7.20 6.36 -12.14
N VAL B 245 -7.01 5.45 -13.08
CA VAL B 245 -8.10 4.58 -13.54
C VAL B 245 -7.66 3.12 -13.54
N ALA B 246 -6.40 2.90 -13.18
CA ALA B 246 -5.77 1.59 -13.15
C ALA B 246 -6.47 0.54 -12.29
N ASP B 247 -7.07 0.98 -11.19
CA ASP B 247 -7.76 0.07 -10.27
C ASP B 247 -9.13 -0.44 -10.73
N ILE B 248 -9.61 0.02 -11.89
CA ILE B 248 -10.92 -0.43 -12.36
C ILE B 248 -10.89 -1.94 -12.52
N SER B 249 -11.96 -2.57 -12.09
CA SER B 249 -12.08 -4.02 -12.15
C SER B 249 -12.11 -4.58 -13.57
N GLY B 250 -11.10 -5.37 -13.91
CA GLY B 250 -11.06 -5.96 -15.23
C GLY B 250 -10.24 -5.20 -16.24
N LEU B 251 -9.82 -3.98 -15.90
CA LEU B 251 -9.04 -3.18 -16.81
C LEU B 251 -7.76 -3.88 -17.21
N LYS B 252 -7.53 -3.99 -18.52
CA LYS B 252 -6.33 -4.64 -19.02
C LYS B 252 -5.41 -3.64 -19.69
N ILE B 253 -5.97 -2.63 -20.36
CA ILE B 253 -5.14 -1.65 -21.03
C ILE B 253 -5.80 -0.27 -21.01
N TRP B 254 -4.99 0.73 -20.73
CA TRP B 254 -5.50 2.08 -20.62
C TRP B 254 -4.57 3.14 -21.15
N PHE B 256 -3.93 7.49 -21.49
CA PHE B 256 -4.20 8.81 -20.96
C PHE B 256 -3.56 9.84 -21.87
N GLY B 257 -4.39 10.56 -22.60
CA GLY B 257 -3.89 11.57 -23.51
C GLY B 257 -4.26 12.99 -23.14
N VAL B 258 -3.25 13.82 -22.95
CA VAL B 258 -3.46 15.22 -22.59
C VAL B 258 -2.88 16.11 -23.69
N ASP B 259 -3.70 17.04 -24.17
CA ASP B 259 -3.31 17.98 -25.24
C ASP B 259 -2.34 19.04 -24.73
N GLU B 260 -1.16 19.12 -25.35
CA GLU B 260 -0.14 20.10 -24.96
C GLU B 260 -0.23 21.33 -25.86
N GLY B 261 -1.04 21.27 -26.90
CA GLY B 261 -1.20 22.39 -27.81
C GLY B 261 -1.00 21.95 -29.24
N ASP B 262 0.26 21.82 -29.64
CA ASP B 262 0.57 21.39 -31.00
C ASP B 262 0.76 19.88 -31.09
N GLN B 263 0.42 19.16 -30.04
CA GLN B 263 0.55 17.72 -30.04
C GLN B 263 -0.12 17.17 -28.79
N ILE B 264 -0.65 15.95 -28.89
CA ILE B 264 -1.31 15.33 -27.76
C ILE B 264 -0.46 14.21 -27.21
N ARG B 265 0.39 14.55 -26.24
CA ARG B 265 1.28 13.59 -25.60
C ARG B 265 0.47 12.60 -24.81
N CYS B 266 0.34 11.38 -25.34
CA CYS B 266 -0.42 10.37 -24.63
C CYS B 266 0.42 9.24 -24.07
N ARG B 267 0.24 8.99 -22.78
CA ARG B 267 0.93 7.96 -22.06
C ARG B 267 0.01 6.75 -22.02
N ILE B 268 0.51 5.62 -22.50
CA ILE B 268 -0.27 4.39 -22.55
C ILE B 268 0.34 3.24 -21.68
N ARG B 269 -0.45 2.75 -20.73
CA ARG B 269 -0.01 1.70 -19.84
C ARG B 269 -0.99 0.51 -19.88
N SER B 270 -0.48 -0.72 -19.73
CA SER B 270 -1.33 -1.92 -19.75
C SER B 270 -1.10 -2.78 -18.51
N LYS B 271 -2.10 -3.61 -18.20
CA LYS B 271 -2.04 -4.48 -17.04
C LYS B 271 -0.85 -5.43 -17.17
N GLY B 272 -0.76 -6.10 -18.31
CA GLY B 272 0.34 -7.01 -18.53
C GLY B 272 0.33 -7.56 -19.93
N ILE B 273 0.28 -6.66 -20.92
CA ILE B 273 0.25 -7.08 -22.31
C ILE B 273 1.20 -6.25 -23.11
N THR B 274 1.95 -6.87 -24.02
CA THR B 274 2.90 -6.15 -24.86
C THR B 274 2.17 -4.99 -25.56
N ILE B 275 2.47 -3.76 -25.15
CA ILE B 275 1.84 -2.57 -25.68
C ILE B 275 2.72 -1.63 -26.50
N ASN B 276 4.00 -1.55 -26.13
CA ASN B 276 4.97 -0.70 -26.80
C ASN B 276 5.02 -1.08 -28.27
N ASP B 277 4.36 -2.19 -28.57
CA ASP B 277 4.25 -2.73 -29.91
C ASP B 277 3.60 -1.65 -30.79
N VAL B 278 2.32 -1.40 -30.52
CA VAL B 278 1.54 -0.40 -31.24
C VAL B 278 2.16 0.99 -31.10
N ALA B 279 2.89 1.20 -30.01
CA ALA B 279 3.55 2.46 -29.77
C ALA B 279 4.42 2.84 -30.96
N ASN B 280 5.23 1.88 -31.42
CA ASN B 280 6.15 2.05 -32.55
C ASN B 280 5.40 2.30 -33.83
N GLN B 281 4.22 1.70 -33.94
CA GLN B 281 3.41 1.87 -35.13
C GLN B 281 3.11 3.36 -35.33
N PHE B 282 2.95 4.06 -34.23
CA PHE B 282 2.65 5.47 -34.27
C PHE B 282 3.88 6.34 -34.04
N GLY B 283 5.05 5.76 -34.22
CA GLY B 283 6.28 6.50 -34.02
C GLY B 283 6.63 6.70 -32.57
N GLY B 284 6.09 5.88 -31.69
CA GLY B 284 6.38 6.01 -30.27
C GLY B 284 7.32 4.93 -29.78
N GLY B 285 7.03 4.38 -28.60
CA GLY B 285 7.87 3.32 -28.07
C GLY B 285 7.93 3.34 -26.55
N GLY B 286 8.80 2.52 -25.98
CA GLY B 286 8.91 2.46 -24.54
C GLY B 286 8.84 1.03 -24.05
N HIS B 287 8.64 0.86 -22.75
CA HIS B 287 8.53 -0.47 -22.20
C HIS B 287 7.24 -1.09 -22.71
N PRO B 288 7.19 -2.43 -22.75
CA PRO B 288 5.99 -3.13 -23.22
C PRO B 288 4.76 -2.94 -22.32
N ASN B 289 4.97 -2.41 -21.12
CA ASN B 289 3.87 -2.22 -20.18
C ASN B 289 3.55 -0.76 -19.88
N ALA B 290 4.37 0.14 -20.41
CA ALA B 290 4.19 1.58 -20.21
C ALA B 290 5.01 2.38 -21.25
N SER B 291 4.38 2.69 -22.38
CA SER B 291 5.01 3.45 -23.45
C SER B 291 4.36 4.83 -23.60
N GLY B 292 4.80 5.58 -24.59
CA GLY B 292 4.26 6.90 -24.82
C GLY B 292 4.25 7.25 -26.30
N VAL B 293 3.29 8.07 -26.70
CA VAL B 293 3.14 8.48 -28.09
C VAL B 293 2.76 9.94 -28.09
N SER B 294 3.01 10.63 -29.20
CA SER B 294 2.66 12.04 -29.29
C SER B 294 1.92 12.33 -30.59
N VAL B 295 0.66 11.93 -30.62
CA VAL B 295 -0.19 12.16 -31.79
C VAL B 295 -0.37 13.66 -32.05
N TYR B 296 -0.80 14.00 -33.26
CA TYR B 296 -1.03 15.40 -33.64
C TYR B 296 -2.50 15.77 -33.63
N SER B 297 -3.37 14.82 -33.29
CA SER B 297 -4.80 15.10 -33.27
C SER B 297 -5.56 14.04 -32.52
N TRP B 298 -6.79 14.36 -32.13
CA TRP B 298 -7.60 13.38 -31.41
C TRP B 298 -8.09 12.32 -32.39
N ASP B 299 -8.18 12.68 -33.66
CA ASP B 299 -8.63 11.71 -34.65
C ASP B 299 -7.60 10.57 -34.74
N GLU B 300 -6.33 10.95 -34.59
CA GLU B 300 -5.19 10.04 -34.62
C GLU B 300 -5.13 9.31 -33.28
N PHE B 301 -5.51 10.02 -32.22
CA PHE B 301 -5.54 9.46 -30.88
C PHE B 301 -6.48 8.28 -30.88
N GLU B 302 -7.55 8.42 -31.65
CA GLU B 302 -8.54 7.37 -31.76
C GLU B 302 -7.99 6.20 -32.56
N GLU B 303 -7.18 6.48 -33.58
CA GLU B 303 -6.64 5.37 -34.34
C GLU B 303 -5.80 4.53 -33.41
N LEU B 304 -5.12 5.20 -32.48
CA LEU B 304 -4.28 4.52 -31.50
C LEU B 304 -5.17 3.66 -30.62
N ALA B 305 -6.30 4.21 -30.22
CA ALA B 305 -7.23 3.47 -29.38
C ALA B 305 -7.67 2.20 -30.10
N GLN B 306 -7.98 2.34 -31.38
CA GLN B 306 -8.43 1.22 -32.21
C GLN B 306 -7.34 0.16 -32.28
N ALA B 307 -6.11 0.60 -32.47
CA ALA B 307 -4.98 -0.31 -32.56
C ALA B 307 -4.76 -1.03 -31.24
N LEU B 308 -4.87 -0.29 -30.14
CA LEU B 308 -4.70 -0.85 -28.81
C LEU B 308 -5.80 -1.84 -28.50
N ARG B 309 -7.03 -1.45 -28.79
CA ARG B 309 -8.17 -2.30 -28.53
C ARG B 309 -8.11 -3.61 -29.33
N GLN B 310 -7.62 -3.54 -30.57
CA GLN B 310 -7.50 -4.73 -31.45
C GLN B 310 -6.51 -5.73 -30.85
N LYS B 311 -5.57 -5.21 -30.07
CA LYS B 311 -4.57 -6.02 -29.40
C LYS B 311 -5.26 -6.94 -28.39
N LEU B 312 -6.40 -6.50 -27.90
CA LEU B 312 -7.17 -7.28 -26.93
C LEU B 312 -7.92 -8.43 -27.60
N LEU B 313 -7.98 -8.45 -28.92
CA LEU B 313 -8.71 -9.52 -29.59
C LEU B 313 -7.86 -10.77 -29.66
N GLU B 314 -6.54 -10.59 -29.76
CA GLU B 314 -5.62 -11.74 -29.84
C GLU B 314 -5.55 -12.50 -28.51
N HIS B 315 -5.96 -11.84 -27.45
CA HIS B 315 -5.96 -12.45 -26.12
C HIS B 315 -7.43 -12.59 -25.65
N HIS B 316 -7.71 -13.64 -24.88
CA HIS B 316 -9.06 -13.90 -24.37
C HIS B 316 -9.11 -15.18 -23.52
#